data_6LPH
#
_entry.id   6LPH
#
_cell.length_a   36.145
_cell.length_b   68.423
_cell.length_c   56.144
_cell.angle_alpha   90.000
_cell.angle_beta   97.490
_cell.angle_gamma   90.000
#
_symmetry.space_group_name_H-M   'P 1 21 1'
#
loop_
_entity.id
_entity.type
_entity.pdbx_description
1 polymer 'Suppressor of fused homolog'
2 polymer 'Serine/threonine-protein kinase fused'
3 water water
#
loop_
_entity_poly.entity_id
_entity_poly.type
_entity_poly.pdbx_seq_one_letter_code
_entity_poly.pdbx_strand_id
1 'polypeptide(L)'
;MAEANLDKKPEVKPPPGLKAIIDHLGQVYPNQPNPLQVTTLLKYWLGGQDPLDYISMYNYPGDVDRNVPPHWHYISFGLS
DLHGDERVHLREEGVTRSGMGFELTFRLAKTEIELKQQIENPEKPQRPPTWPANLLQAIGRYCFQTGNGLCFGDNIPWRK
SLDGSTTSKLQNLLVAQDPQLGCIDTPTGTVDFCQIVGVFDDELEQASRWNGRGVLNFLRQDMQTGGDWLVTNMDRQMSV
FELFPETLLNLQDDLEKQ
;
A
2 'polypeptide(L)' AAPVINSHTCFVSGNSNMILNHMNDNFA B
#
# COMPACT_ATOMS: atom_id res chain seq x y z
N LYS A 13 28.87 -3.82 0.11
CA LYS A 13 27.84 -3.35 1.08
C LYS A 13 26.57 -2.90 0.34
N PRO A 14 25.39 -3.40 0.79
CA PRO A 14 24.11 -3.19 0.08
C PRO A 14 23.66 -1.74 0.09
N PRO A 15 22.61 -1.41 -0.72
CA PRO A 15 22.14 -0.02 -0.64
C PRO A 15 21.48 0.18 0.72
N PRO A 16 21.96 1.20 1.47
CA PRO A 16 21.70 1.33 2.91
C PRO A 16 20.24 1.60 3.27
N GLY A 17 19.54 2.38 2.45
CA GLY A 17 18.12 2.61 2.69
C GLY A 17 17.33 1.34 2.46
N LEU A 18 17.58 0.70 1.32
CA LEU A 18 16.90 -0.57 0.99
C LEU A 18 17.18 -1.60 2.12
N LYS A 19 18.44 -1.74 2.53
CA LYS A 19 18.81 -2.72 3.57
C LYS A 19 18.07 -2.49 4.91
N ALA A 20 17.97 -1.22 5.34
CA ALA A 20 17.24 -0.87 6.59
C ALA A 20 15.77 -1.30 6.55
N ILE A 21 15.13 -1.04 5.42
CA ILE A 21 13.72 -1.41 5.26
C ILE A 21 13.58 -2.94 5.26
N ILE A 22 14.42 -3.63 4.47
CA ILE A 22 14.42 -5.12 4.41
C ILE A 22 14.66 -5.72 5.78
N ASP A 23 15.63 -5.16 6.52
CA ASP A 23 15.87 -5.60 7.88
C ASP A 23 14.66 -5.42 8.81
N HIS A 24 14.04 -4.24 8.77
CA HIS A 24 12.79 -3.99 9.48
C HIS A 24 11.71 -4.99 9.14
N LEU A 25 11.50 -5.23 7.84
CA LEU A 25 10.50 -6.23 7.41
C LEU A 25 10.86 -7.64 7.88
N GLY A 26 12.15 -7.94 7.95
CA GLY A 26 12.61 -9.26 8.46
C GLY A 26 12.25 -9.52 9.92
N GLN A 27 12.18 -8.45 10.70
CA GLN A 27 11.85 -8.53 12.12
C GLN A 27 10.35 -8.69 12.29
N VAL A 28 9.61 -8.07 11.39
CA VAL A 28 8.17 -8.08 11.48
C VAL A 28 7.64 -9.41 10.87
N TYR A 29 8.34 -9.92 9.87
CA TYR A 29 7.90 -11.15 9.19
C TYR A 29 9.04 -12.15 9.19
N PRO A 30 9.44 -12.64 10.39
CA PRO A 30 10.58 -13.57 10.45
C PRO A 30 10.32 -14.88 9.70
N ASN A 31 9.05 -15.27 9.58
CA ASN A 31 8.72 -16.52 8.86
C ASN A 31 8.41 -16.38 7.38
N GLN A 32 8.63 -15.17 6.85
CA GLN A 32 8.60 -14.93 5.41
C GLN A 32 9.88 -14.22 4.97
N PRO A 33 11.02 -14.95 5.01
CA PRO A 33 12.29 -14.30 4.68
C PRO A 33 12.46 -13.97 3.19
N ASN A 34 11.63 -14.55 2.32
CA ASN A 34 11.85 -14.38 0.87
C ASN A 34 10.51 -14.16 0.15
N PRO A 35 9.87 -13.00 0.41
CA PRO A 35 8.57 -12.72 -0.19
C PRO A 35 8.71 -12.50 -1.68
N LEU A 36 7.61 -12.71 -2.40
CA LEU A 36 7.48 -12.22 -3.76
C LEU A 36 7.61 -10.71 -3.79
N GLN A 37 8.27 -10.19 -4.82
CA GLN A 37 8.25 -8.77 -5.12
C GLN A 37 7.80 -8.50 -6.54
N VAL A 38 7.08 -7.40 -6.72
CA VAL A 38 6.90 -6.85 -8.05
C VAL A 38 8.08 -5.91 -8.25
N THR A 39 8.87 -6.18 -9.29
CA THR A 39 10.15 -5.56 -9.54
C THR A 39 10.10 -4.76 -10.87
N THR A 40 10.54 -3.52 -10.87
CA THR A 40 10.54 -2.79 -12.13
C THR A 40 11.77 -3.15 -12.98
N LEU A 41 11.57 -3.15 -14.28
CA LEU A 41 12.59 -3.57 -15.25
C LEU A 41 13.52 -2.41 -15.55
N LEU A 42 12.98 -1.30 -16.08
CA LEU A 42 13.76 -0.08 -16.30
C LEU A 42 13.52 0.80 -15.05
N LYS A 43 14.51 0.87 -14.17
CA LYS A 43 14.40 1.63 -12.91
C LYS A 43 14.18 3.10 -13.18
N TYR A 44 13.49 3.76 -12.27
CA TYR A 44 13.17 5.17 -12.39
C TYR A 44 14.46 6.00 -12.57
N TRP A 45 15.49 5.64 -11.83
CA TRP A 45 16.77 6.35 -11.91
C TRP A 45 17.55 6.10 -13.20
N LEU A 46 17.00 5.24 -14.08
CA LEU A 46 17.57 5.03 -15.41
C LEU A 46 16.61 5.53 -16.46
N GLY A 47 15.60 6.30 -16.02
CA GLY A 47 14.69 6.95 -16.95
C GLY A 47 13.33 6.27 -17.11
N GLY A 48 13.06 5.23 -16.31
CA GLY A 48 11.73 4.60 -16.30
C GLY A 48 10.68 5.53 -15.68
N GLN A 49 9.41 5.26 -15.95
CA GLN A 49 8.30 6.08 -15.43
C GLN A 49 7.71 5.60 -14.08
N ASP A 50 8.15 4.43 -13.61
CA ASP A 50 7.63 3.84 -12.37
C ASP A 50 8.58 4.14 -11.22
N PRO A 51 8.19 5.04 -10.29
CA PRO A 51 9.14 5.50 -9.27
C PRO A 51 9.48 4.45 -8.22
N LEU A 52 8.70 3.38 -8.11
CA LEU A 52 9.03 2.34 -7.11
C LEU A 52 9.87 1.23 -7.75
N ASP A 53 11.04 1.00 -7.20
CA ASP A 53 11.92 -0.05 -7.70
C ASP A 53 11.36 -1.44 -7.40
N TYR A 54 10.71 -1.60 -6.24
CA TYR A 54 10.20 -2.90 -5.77
C TYR A 54 8.93 -2.68 -4.93
N ILE A 55 8.04 -3.68 -4.92
CA ILE A 55 6.92 -3.75 -3.99
C ILE A 55 6.93 -5.17 -3.42
N SER A 56 7.18 -5.28 -2.12
CA SER A 56 7.10 -6.59 -1.47
C SER A 56 5.65 -6.94 -1.17
N MET A 57 5.34 -8.23 -1.20
CA MET A 57 3.97 -8.69 -0.90
C MET A 57 4.05 -9.76 0.16
N TYR A 58 3.32 -9.58 1.27
CA TYR A 58 3.33 -10.57 2.34
C TYR A 58 1.92 -11.08 2.61
N ASN A 59 1.82 -12.31 3.11
CA ASN A 59 0.58 -12.81 3.67
C ASN A 59 0.56 -12.52 5.15
N TYR A 60 -0.56 -11.96 5.62
CA TYR A 60 -0.75 -11.82 7.06
C TYR A 60 -1.94 -12.68 7.51
N PRO A 61 -1.69 -13.73 8.33
CA PRO A 61 -2.78 -14.64 8.71
C PRO A 61 -3.92 -13.98 9.49
N GLY A 62 -3.65 -12.89 10.20
CA GLY A 62 -4.69 -12.22 10.97
C GLY A 62 -4.33 -12.19 12.45
N ASP A 63 -5.26 -11.67 13.26
CA ASP A 63 -5.10 -11.58 14.70
C ASP A 63 -6.51 -11.39 15.27
N VAL A 64 -7.00 -12.42 15.94
CA VAL A 64 -8.37 -12.43 16.48
C VAL A 64 -8.66 -11.28 17.44
N ASP A 65 -7.84 -11.10 18.47
CA ASP A 65 -8.03 -10.06 19.47
C ASP A 65 -8.06 -8.65 18.86
N ARG A 66 -7.19 -8.38 17.88
CA ARG A 66 -7.14 -7.04 17.30
C ARG A 66 -8.02 -6.87 16.10
N ASN A 67 -8.93 -7.82 15.85
CA ASN A 67 -9.86 -7.72 14.73
C ASN A 67 -9.10 -7.50 13.43
N VAL A 68 -8.04 -8.26 13.23
CA VAL A 68 -7.30 -8.23 11.96
C VAL A 68 -7.64 -9.48 11.16
N PRO A 69 -8.30 -9.31 9.99
CA PRO A 69 -8.64 -10.45 9.17
C PRO A 69 -7.39 -10.88 8.37
N PRO A 70 -7.42 -12.08 7.78
CA PRO A 70 -6.33 -12.46 6.88
C PRO A 70 -6.30 -11.52 5.70
N HIS A 71 -5.08 -11.15 5.27
CA HIS A 71 -4.96 -10.18 4.20
C HIS A 71 -3.59 -10.23 3.56
N TRP A 72 -3.48 -9.50 2.44
CA TRP A 72 -2.24 -9.31 1.74
C TRP A 72 -1.65 -7.97 2.13
N HIS A 73 -0.35 -7.90 2.43
CA HIS A 73 0.29 -6.64 2.89
C HIS A 73 1.36 -6.24 1.87
N TYR A 74 1.19 -5.05 1.28
CA TYR A 74 2.10 -4.56 0.24
C TYR A 74 2.98 -3.46 0.80
N ILE A 75 4.27 -3.48 0.47
CA ILE A 75 5.23 -2.40 0.94
C ILE A 75 6.10 -1.91 -0.22
N SER A 76 6.12 -0.60 -0.46
CA SER A 76 6.87 -0.02 -1.60
C SER A 76 8.29 0.30 -1.23
N PHE A 77 9.15 0.35 -2.25
CA PHE A 77 10.55 0.79 -2.08
C PHE A 77 10.84 1.75 -3.22
N GLY A 78 11.12 3.00 -2.86
CA GLY A 78 11.51 4.00 -3.84
C GLY A 78 11.15 5.44 -3.51
N LEU A 79 10.12 5.65 -2.67
CA LEU A 79 9.74 7.02 -2.23
C LEU A 79 10.72 7.53 -1.19
N SER A 80 11.32 6.61 -0.44
CA SER A 80 12.43 6.97 0.47
C SER A 80 13.76 6.83 -0.28
N ASP A 81 14.86 7.23 0.36
CA ASP A 81 16.16 7.20 -0.31
C ASP A 81 16.81 5.83 -0.11
N LEU A 82 16.56 4.92 -1.05
CA LEU A 82 17.11 3.56 -0.99
C LEU A 82 18.65 3.51 -1.09
N HIS A 83 19.24 4.47 -1.79
CA HIS A 83 20.62 4.32 -2.22
C HIS A 83 21.62 5.23 -1.57
N GLY A 84 21.21 6.46 -1.26
CA GLY A 84 22.10 7.40 -0.60
C GLY A 84 23.00 8.20 -1.53
N ASP A 85 22.91 7.98 -2.84
CA ASP A 85 23.84 8.61 -3.81
C ASP A 85 23.21 9.59 -4.80
N GLU A 86 21.98 10.02 -4.49
CA GLU A 86 21.27 11.08 -5.22
C GLU A 86 20.86 10.64 -6.62
N ARG A 87 20.81 9.33 -6.86
CA ARG A 87 20.34 8.86 -8.16
C ARG A 87 18.85 9.22 -8.40
N VAL A 88 18.08 9.30 -7.32
CA VAL A 88 16.70 9.78 -7.39
C VAL A 88 16.47 11.01 -6.49
N HIS A 89 16.99 10.96 -5.27
CA HIS A 89 16.65 11.90 -4.22
C HIS A 89 17.82 12.75 -3.88
N LEU A 90 17.66 14.05 -4.05
CA LEU A 90 18.73 15.01 -3.80
C LEU A 90 18.87 15.15 -2.29
N ARG A 91 20.09 15.17 -1.78
CA ARG A 91 20.28 15.26 -0.35
C ARG A 91 20.60 16.68 0.09
N GLU A 92 19.72 17.26 0.90
CA GLU A 92 19.89 18.62 1.37
C GLU A 92 20.50 18.60 2.76
N GLU A 93 21.43 19.51 3.01
CA GLU A 93 21.97 19.62 4.36
C GLU A 93 20.84 19.98 5.31
N GLY A 94 20.85 19.37 6.49
CA GLY A 94 19.85 19.66 7.50
C GLY A 94 18.48 19.02 7.33
N VAL A 95 18.28 18.27 6.24
CA VAL A 95 17.04 17.49 6.11
C VAL A 95 17.21 16.10 6.75
N THR A 96 16.26 15.76 7.62
CA THR A 96 16.27 14.51 8.39
C THR A 96 15.56 13.33 7.68
N ARG A 97 14.66 13.64 6.75
CA ARG A 97 13.91 12.62 6.00
C ARG A 97 14.76 11.81 5.01
N SER A 98 14.36 10.56 4.74
CA SER A 98 15.01 9.77 3.70
C SER A 98 14.17 9.97 2.43
N GLY A 99 14.71 10.67 1.43
CA GLY A 99 13.96 10.94 0.19
C GLY A 99 12.71 11.73 0.55
N MET A 100 11.56 11.28 0.07
CA MET A 100 10.29 11.90 0.48
C MET A 100 9.92 11.63 1.95
N GLY A 101 10.61 10.70 2.59
CA GLY A 101 10.46 10.51 4.05
C GLY A 101 9.41 9.47 4.42
N PHE A 102 8.92 8.75 3.41
CA PHE A 102 7.97 7.70 3.65
C PHE A 102 7.99 6.62 2.56
N GLU A 103 7.40 5.45 2.85
CA GLU A 103 7.02 4.49 1.82
C GLU A 103 5.55 4.20 1.99
N LEU A 104 4.95 3.67 0.91
CA LEU A 104 3.55 3.32 0.92
C LEU A 104 3.34 1.86 1.36
N THR A 105 2.31 1.64 2.18
CA THR A 105 1.83 0.28 2.43
C THR A 105 0.33 0.14 2.11
N PHE A 106 -0.14 -1.09 1.98
CA PHE A 106 -1.55 -1.31 1.68
C PHE A 106 -1.93 -2.68 2.24
N ARG A 107 -3.10 -2.77 2.86
CA ARG A 107 -3.58 -4.05 3.40
C ARG A 107 -4.86 -4.44 2.68
N LEU A 108 -4.82 -5.58 2.04
CA LEU A 108 -5.93 -5.97 1.17
C LEU A 108 -6.61 -7.28 1.62
N ALA A 109 -7.90 -7.19 1.99
CA ALA A 109 -8.64 -8.34 2.51
C ALA A 109 -8.73 -9.43 1.45
N LYS A 110 -8.52 -10.67 1.89
CA LYS A 110 -8.66 -11.81 1.01
C LYS A 110 -10.13 -11.93 0.74
N THR A 111 -10.46 -12.27 -0.50
CA THR A 111 -11.84 -12.44 -0.92
C THR A 111 -12.40 -13.77 -0.39
N GLU A 112 -13.72 -13.97 -0.46
CA GLU A 112 -14.31 -15.25 -0.08
C GLU A 112 -13.74 -16.40 -0.92
N ILE A 113 -13.60 -16.14 -2.22
CA ILE A 113 -13.00 -17.11 -3.15
C ILE A 113 -11.58 -17.53 -2.70
N GLU A 114 -10.73 -16.54 -2.43
CA GLU A 114 -9.37 -16.76 -1.93
C GLU A 114 -9.34 -17.54 -0.62
N LEU A 115 -10.30 -17.26 0.27
CA LEU A 115 -10.32 -17.86 1.60
C LEU A 115 -10.65 -19.35 1.56
N LYS A 116 -11.44 -19.76 0.57
CA LYS A 116 -11.82 -21.16 0.45
C LYS A 116 -10.71 -22.06 -0.12
N GLN A 117 -9.69 -21.42 -0.72
CA GLN A 117 -8.57 -22.16 -1.32
C GLN A 117 -7.47 -22.63 -0.34
N GLN A 118 -6.91 -21.70 0.45
CA GLN A 118 -5.68 -21.92 1.27
C GLN A 118 -5.75 -22.89 2.48
N ILE A 119 -6.94 -23.42 2.74
CA ILE A 119 -7.19 -24.20 3.95
C ILE A 119 -7.43 -25.68 3.59
N GLU A 120 -8.19 -25.85 2.49
CA GLU A 120 -8.56 -27.16 1.91
C GLU A 120 -7.89 -27.45 0.55
N ASN A 121 -8.06 -26.55 -0.43
CA ASN A 121 -7.45 -26.66 -1.77
C ASN A 121 -5.90 -26.75 -1.66
N PRO A 122 -5.27 -27.51 -2.56
CA PRO A 122 -4.03 -28.26 -2.21
C PRO A 122 -2.59 -27.74 -2.50
N GLU A 123 -2.18 -27.71 -3.77
CA GLU A 123 -0.78 -27.95 -4.18
C GLU A 123 0.25 -26.88 -3.83
N LYS A 124 -0.01 -25.65 -4.27
CA LYS A 124 0.99 -24.61 -4.22
C LYS A 124 0.47 -23.37 -3.48
N PRO A 125 1.37 -22.57 -2.88
CA PRO A 125 0.88 -21.43 -2.11
C PRO A 125 0.14 -20.43 -3.00
N GLN A 126 -1.07 -19.99 -2.60
CA GLN A 126 -1.82 -18.95 -3.32
C GLN A 126 -1.02 -17.64 -3.56
N ARG A 127 -1.04 -17.13 -4.77
CA ARG A 127 -0.31 -15.90 -5.13
C ARG A 127 -1.11 -14.65 -4.71
N PRO A 128 -0.47 -13.63 -4.11
CA PRO A 128 -1.21 -12.40 -3.82
C PRO A 128 -1.62 -11.72 -5.12
N PRO A 129 -2.75 -10.97 -5.13
CA PRO A 129 -3.06 -10.14 -6.29
C PRO A 129 -1.95 -9.12 -6.51
N THR A 130 -1.67 -8.78 -7.77
CA THR A 130 -0.58 -7.88 -8.06
C THR A 130 -1.11 -6.52 -8.48
N TRP A 131 -2.41 -6.40 -8.67
CA TRP A 131 -2.98 -5.10 -9.03
C TRP A 131 -2.63 -3.96 -8.07
N PRO A 132 -2.44 -4.23 -6.75
CA PRO A 132 -2.09 -3.11 -5.86
C PRO A 132 -0.74 -2.47 -6.18
N ALA A 133 0.15 -3.20 -6.86
CA ALA A 133 1.43 -2.65 -7.31
C ALA A 133 1.26 -1.47 -8.27
N ASN A 134 0.36 -1.57 -9.25
CA ASN A 134 -0.06 -0.44 -10.10
C ASN A 134 -0.57 0.72 -9.31
N LEU A 135 -1.40 0.44 -8.30
CA LEU A 135 -1.98 1.47 -7.48
C LEU A 135 -0.85 2.23 -6.76
N LEU A 136 0.08 1.50 -6.14
CA LEU A 136 1.18 2.16 -5.44
C LEU A 136 2.11 2.90 -6.40
N GLN A 137 2.37 2.36 -7.60
CA GLN A 137 3.18 3.09 -8.58
C GLN A 137 2.53 4.42 -8.93
N ALA A 138 1.21 4.39 -9.13
CA ALA A 138 0.45 5.55 -9.55
C ALA A 138 0.43 6.59 -8.41
N ILE A 139 0.26 6.14 -7.17
CA ILE A 139 0.32 7.08 -6.04
C ILE A 139 1.74 7.64 -5.91
N GLY A 140 2.74 6.77 -6.05
CA GLY A 140 4.12 7.20 -6.15
C GLY A 140 4.37 8.29 -7.18
N ARG A 141 3.82 8.13 -8.39
CA ARG A 141 3.98 9.15 -9.45
C ARG A 141 3.34 10.46 -9.05
N TYR A 142 2.17 10.36 -8.44
CA TYR A 142 1.41 11.52 -8.01
C TYR A 142 2.29 12.33 -7.02
N CYS A 143 2.87 11.64 -6.03
CA CYS A 143 3.74 12.30 -5.07
C CYS A 143 4.99 12.93 -5.70
N PHE A 144 5.65 12.22 -6.62
CA PHE A 144 6.84 12.77 -7.31
C PHE A 144 6.46 14.00 -8.13
N GLN A 145 5.35 13.90 -8.86
CA GLN A 145 4.99 14.95 -9.78
C GLN A 145 4.47 16.20 -9.11
N THR A 146 3.78 16.05 -7.98
CA THR A 146 3.34 17.25 -7.26
C THR A 146 4.34 17.74 -6.20
N GLY A 147 5.21 16.84 -5.72
CA GLY A 147 6.16 17.19 -4.67
C GLY A 147 5.59 17.16 -3.26
N ASN A 148 4.28 16.92 -3.10
CA ASN A 148 3.70 16.73 -1.76
C ASN A 148 3.94 15.29 -1.26
N GLY A 149 4.50 15.15 -0.07
CA GLY A 149 4.57 13.87 0.62
C GLY A 149 3.21 13.58 1.25
N LEU A 150 3.06 12.44 1.90
CA LEU A 150 1.79 12.10 2.53
C LEU A 150 2.01 12.08 4.02
N CYS A 151 1.01 12.53 4.78
CA CYS A 151 1.04 12.50 6.25
C CYS A 151 -0.16 11.68 6.76
N PHE A 152 -0.04 11.17 7.98
CA PHE A 152 -1.16 10.46 8.62
C PHE A 152 -2.37 11.38 8.76
N GLY A 153 -3.52 10.90 8.32
CA GLY A 153 -4.72 11.70 8.35
C GLY A 153 -5.07 12.31 6.99
N ASP A 154 -4.13 12.33 6.04
CA ASP A 154 -4.35 12.92 4.71
C ASP A 154 -5.39 12.11 3.96
N ASN A 155 -5.97 12.74 2.95
CA ASN A 155 -6.85 12.01 2.03
C ASN A 155 -6.32 12.18 0.62
N ILE A 156 -6.62 11.24 -0.26
CA ILE A 156 -6.26 11.38 -1.65
C ILE A 156 -7.56 11.20 -2.46
N PRO A 157 -8.05 12.28 -3.08
CA PRO A 157 -9.30 12.16 -3.85
C PRO A 157 -8.99 11.55 -5.22
N TRP A 158 -8.75 10.24 -5.17
CA TRP A 158 -8.36 9.41 -6.32
C TRP A 158 -9.42 9.35 -7.38
N ARG A 159 -10.67 9.31 -6.93
CA ARG A 159 -11.86 9.31 -7.81
C ARG A 159 -11.92 8.18 -8.84
N LYS A 160 -11.45 6.99 -8.47
CA LYS A 160 -11.62 5.80 -9.31
C LYS A 160 -11.31 4.54 -8.52
N SER A 161 -11.99 3.45 -8.86
CA SER A 161 -11.81 2.21 -8.12
C SER A 161 -10.34 1.87 -8.05
N LEU A 162 -9.89 1.49 -6.86
CA LEU A 162 -8.48 1.19 -6.64
C LEU A 162 -7.99 0.02 -7.50
N ASP A 163 -8.89 -0.91 -7.80
CA ASP A 163 -8.53 -2.10 -8.55
C ASP A 163 -8.93 -2.00 -10.02
N GLY A 164 -9.43 -0.84 -10.43
CA GLY A 164 -9.92 -0.66 -11.80
C GLY A 164 -11.20 -1.40 -12.14
N SER A 165 -11.85 -2.01 -11.14
CA SER A 165 -13.16 -2.64 -11.31
C SER A 165 -14.27 -1.60 -11.52
N THR A 166 -15.37 -2.02 -12.13
CA THR A 166 -16.56 -1.17 -12.27
C THR A 166 -17.49 -1.24 -11.05
N THR A 167 -17.26 -2.20 -10.15
CA THR A 167 -18.22 -2.47 -9.07
C THR A 167 -17.77 -1.97 -7.67
N SER A 168 -16.48 -1.91 -7.42
CA SER A 168 -16.05 -1.54 -6.06
C SER A 168 -16.48 -0.12 -5.70
N LYS A 169 -17.02 0.06 -4.51
CA LYS A 169 -17.36 1.38 -3.99
C LYS A 169 -16.13 2.09 -3.39
N LEU A 170 -14.98 1.41 -3.38
CA LEU A 170 -13.76 2.07 -2.85
C LEU A 170 -12.96 2.81 -3.95
N GLN A 171 -13.17 4.14 -4.05
CA GLN A 171 -12.62 5.00 -5.12
C GLN A 171 -11.66 6.06 -4.65
N ASN A 172 -11.39 6.10 -3.36
CA ASN A 172 -10.59 7.18 -2.77
C ASN A 172 -9.81 6.61 -1.64
N LEU A 173 -8.88 7.40 -1.09
CA LEU A 173 -7.90 6.87 -0.16
C LEU A 173 -7.77 7.77 1.02
N LEU A 174 -7.58 7.18 2.20
CA LEU A 174 -7.06 7.95 3.37
C LEU A 174 -5.72 7.39 3.68
N VAL A 175 -4.93 8.16 4.45
CA VAL A 175 -3.55 7.77 4.83
C VAL A 175 -3.45 7.59 6.35
N ALA A 176 -3.04 6.39 6.75
CA ALA A 176 -2.87 6.06 8.17
C ALA A 176 -1.44 5.63 8.41
N GLN A 177 -1.03 5.62 9.68
CA GLN A 177 0.27 5.06 10.01
C GLN A 177 0.12 3.54 9.97
N ASP A 178 1.02 2.87 9.28
CA ASP A 178 1.05 1.40 9.29
C ASP A 178 1.22 0.87 10.74
N PRO A 179 0.23 0.11 11.24
CA PRO A 179 0.22 -0.32 12.65
C PRO A 179 1.39 -1.24 13.02
N GLN A 180 1.86 -2.04 12.07
CA GLN A 180 3.00 -2.96 12.28
C GLN A 180 4.32 -2.26 12.07
N LEU A 181 4.39 -1.49 10.99
CA LEU A 181 5.70 -0.99 10.55
C LEU A 181 6.10 0.31 11.22
N GLY A 182 5.09 1.14 11.53
CA GLY A 182 5.32 2.42 12.19
C GLY A 182 6.29 3.32 11.43
N CYS A 183 7.26 3.89 12.13
CA CYS A 183 8.19 4.82 11.50
C CYS A 183 9.57 4.40 11.97
N ILE A 184 10.57 4.44 11.09
CA ILE A 184 11.91 4.00 11.47
C ILE A 184 12.97 5.01 11.03
N ASP A 185 14.14 4.92 11.66
CA ASP A 185 15.30 5.69 11.26
C ASP A 185 16.10 4.74 10.38
N THR A 186 16.83 5.29 9.41
CA THR A 186 17.69 4.46 8.56
C THR A 186 18.97 5.22 8.32
N PRO A 187 20.01 4.54 7.79
CA PRO A 187 21.22 5.27 7.44
C PRO A 187 20.96 6.46 6.54
N THR A 188 19.94 6.39 5.67
CA THR A 188 19.67 7.55 4.78
C THR A 188 18.60 8.51 5.31
N GLY A 189 18.12 8.33 6.54
CA GLY A 189 17.11 9.23 7.06
C GLY A 189 15.90 8.52 7.59
N THR A 190 14.89 9.29 7.98
CA THR A 190 13.70 8.69 8.58
C THR A 190 12.78 8.22 7.44
N VAL A 191 12.03 7.16 7.73
CA VAL A 191 11.03 6.58 6.80
C VAL A 191 9.79 6.29 7.62
N ASP A 192 8.69 7.03 7.35
CA ASP A 192 7.36 6.71 7.91
C ASP A 192 6.73 5.67 6.99
N PHE A 193 6.02 4.68 7.52
CA PHE A 193 5.24 3.79 6.64
C PHE A 193 3.80 4.29 6.56
N CYS A 194 3.44 4.87 5.40
CA CYS A 194 2.13 5.47 5.22
C CYS A 194 1.19 4.44 4.59
N GLN A 195 0.26 3.96 5.39
CA GLN A 195 -0.66 2.94 4.91
C GLN A 195 -1.87 3.58 4.26
N ILE A 196 -2.05 3.21 2.99
CA ILE A 196 -3.17 3.68 2.21
C ILE A 196 -4.40 2.86 2.60
N VAL A 197 -5.56 3.52 2.75
CA VAL A 197 -6.83 2.84 3.14
C VAL A 197 -7.91 3.24 2.14
N GLY A 198 -8.54 2.27 1.47
CA GLY A 198 -9.60 2.60 0.52
C GLY A 198 -10.85 2.98 1.29
N VAL A 199 -11.55 4.01 0.82
CA VAL A 199 -12.74 4.54 1.47
C VAL A 199 -13.87 4.90 0.49
N PHE A 200 -15.08 5.01 1.04
CA PHE A 200 -16.29 5.41 0.30
C PHE A 200 -16.23 6.91 0.04
N ASP A 201 -17.07 7.33 -0.87
CA ASP A 201 -17.22 8.75 -1.18
C ASP A 201 -17.56 9.55 0.06
N ASP A 202 -18.51 9.08 0.88
CA ASP A 202 -18.91 9.86 2.07
C ASP A 202 -17.80 9.90 3.12
N GLU A 203 -17.05 8.81 3.24
CA GLU A 203 -15.88 8.76 4.14
C GLU A 203 -14.83 9.80 3.71
N LEU A 204 -14.58 9.85 2.40
CA LEU A 204 -13.64 10.83 1.85
C LEU A 204 -14.18 12.24 2.12
N GLU A 205 -15.46 12.43 1.84
CA GLU A 205 -16.06 13.76 2.05
C GLU A 205 -15.84 14.25 3.49
N GLN A 206 -16.05 13.37 4.47
CA GLN A 206 -15.96 13.77 5.87
C GLN A 206 -14.53 13.90 6.37
N ALA A 207 -13.61 13.11 5.80
CA ALA A 207 -12.19 13.26 6.14
C ALA A 207 -11.71 14.62 5.65
N SER A 208 -12.25 15.03 4.49
CA SER A 208 -11.89 16.32 3.87
C SER A 208 -12.52 17.49 4.61
N ARG A 209 -13.83 17.41 4.89
CA ARG A 209 -14.49 18.57 5.49
C ARG A 209 -14.32 18.62 7.01
N TRP A 210 -14.13 17.46 7.63
CA TRP A 210 -14.04 17.38 9.09
C TRP A 210 -12.67 16.97 9.58
N ASN A 211 -12.35 15.69 9.58
CA ASN A 211 -10.95 15.27 9.79
C ASN A 211 -10.62 13.80 9.52
N GLY A 212 -9.51 13.60 8.82
CA GLY A 212 -9.10 12.29 8.34
C GLY A 212 -8.84 11.28 9.44
N ARG A 213 -8.14 11.73 10.50
CA ARG A 213 -7.82 10.87 11.63
C ARG A 213 -9.09 10.43 12.34
N GLY A 214 -10.05 11.34 12.49
CA GLY A 214 -11.34 11.02 13.11
C GLY A 214 -12.14 9.98 12.30
N VAL A 215 -12.10 10.10 10.98
CA VAL A 215 -12.72 9.06 10.11
C VAL A 215 -11.98 7.70 10.22
N LEU A 216 -10.65 7.73 10.22
CA LEU A 216 -9.86 6.48 10.39
C LEU A 216 -10.20 5.82 11.72
N ASN A 217 -10.37 6.65 12.76
CA ASN A 217 -10.70 6.14 14.08
C ASN A 217 -12.04 5.43 14.07
N PHE A 218 -13.01 6.00 13.33
CA PHE A 218 -14.32 5.35 13.15
C PHE A 218 -14.18 3.98 12.48
N LEU A 219 -13.42 3.93 11.39
CA LEU A 219 -13.18 2.70 10.62
C LEU A 219 -12.54 1.57 11.43
N ARG A 220 -11.68 1.94 12.38
CA ARG A 220 -10.94 0.97 13.19
C ARG A 220 -11.80 0.22 14.18
N GLN A 221 -13.01 0.71 14.42
CA GLN A 221 -13.87 0.29 15.53
C GLN A 221 -14.55 -1.05 15.29
N ASP A 222 -14.71 -1.42 14.02
CA ASP A 222 -15.38 -2.67 13.70
C ASP A 222 -14.61 -3.40 12.62
N MET A 223 -14.64 -4.74 12.67
CA MET A 223 -14.08 -5.56 11.61
C MET A 223 -14.68 -5.26 10.23
N GLN A 224 -15.98 -5.01 10.17
CA GLN A 224 -16.67 -4.75 8.90
C GLN A 224 -16.07 -3.55 8.15
N THR A 225 -15.48 -2.59 8.87
CA THR A 225 -14.91 -1.41 8.23
C THR A 225 -13.36 -1.37 8.20
N GLY A 226 -12.72 -2.49 8.57
CA GLY A 226 -11.28 -2.64 8.44
C GLY A 226 -10.56 -3.17 9.67
N GLY A 227 -11.26 -3.19 10.81
CA GLY A 227 -10.68 -3.56 12.11
C GLY A 227 -9.51 -2.66 12.54
N ASP A 228 -8.82 -3.09 13.59
CA ASP A 228 -7.73 -2.30 14.18
C ASP A 228 -6.69 -1.83 13.17
N TRP A 229 -6.37 -2.68 12.20
CA TRP A 229 -5.28 -2.38 11.26
C TRP A 229 -5.71 -1.83 9.94
N LEU A 230 -6.97 -1.41 9.85
CA LEU A 230 -7.49 -0.69 8.67
C LEU A 230 -7.24 -1.45 7.36
N VAL A 231 -7.67 -2.71 7.34
CA VAL A 231 -7.57 -3.51 6.15
C VAL A 231 -8.63 -3.03 5.16
N THR A 232 -8.23 -2.85 3.91
CA THR A 232 -9.20 -2.50 2.85
C THR A 232 -9.87 -3.73 2.23
N ASN A 233 -11.22 -3.77 2.25
CA ASN A 233 -12.00 -4.82 1.63
C ASN A 233 -12.72 -4.24 0.39
N MET A 234 -12.26 -4.60 -0.80
CA MET A 234 -12.81 -4.00 -2.05
C MET A 234 -14.29 -4.31 -2.29
N ASP A 235 -14.79 -5.33 -1.59
CA ASP A 235 -16.18 -5.74 -1.71
C ASP A 235 -17.07 -5.13 -0.62
N ARG A 236 -16.52 -4.22 0.17
CA ARG A 236 -17.31 -3.58 1.23
C ARG A 236 -18.55 -2.90 0.66
N GLN A 237 -19.68 -3.09 1.31
CA GLN A 237 -20.96 -2.67 0.72
C GLN A 237 -21.51 -1.39 1.30
N MET A 238 -21.13 -1.07 2.53
CA MET A 238 -21.71 0.06 3.25
C MET A 238 -20.60 0.85 3.93
N SER A 239 -20.77 2.19 3.98
CA SER A 239 -19.79 3.05 4.64
C SER A 239 -19.99 2.98 6.12
N VAL A 240 -19.00 3.51 6.84
CA VAL A 240 -19.07 3.52 8.30
C VAL A 240 -20.28 4.33 8.78
N PHE A 241 -20.61 5.40 8.06
CA PHE A 241 -21.73 6.24 8.43
C PHE A 241 -23.07 5.53 8.19
N GLU A 242 -23.13 4.65 7.20
CA GLU A 242 -24.31 3.78 6.97
C GLU A 242 -24.39 2.71 8.05
N LEU A 243 -23.26 2.09 8.39
CA LEU A 243 -23.28 0.98 9.37
C LEU A 243 -23.51 1.46 10.80
N PHE A 244 -22.92 2.61 11.13
CA PHE A 244 -22.97 3.17 12.46
C PHE A 244 -23.37 4.65 12.40
N PRO A 245 -24.67 4.92 12.21
CA PRO A 245 -25.12 6.29 11.93
C PRO A 245 -24.82 7.27 13.07
N GLU A 246 -24.60 6.75 14.27
CA GLU A 246 -24.10 7.55 15.38
C GLU A 246 -22.85 8.42 15.09
N THR A 247 -21.97 7.90 14.24
CA THR A 247 -20.78 8.63 13.83
C THR A 247 -21.07 9.95 13.11
N LEU A 248 -22.28 10.08 12.55
CA LEU A 248 -22.68 11.32 11.87
C LEU A 248 -22.77 12.53 12.80
N LEU A 249 -22.92 12.28 14.10
CA LEU A 249 -23.09 13.36 15.08
C LEU A 249 -21.85 14.25 15.19
N ASN A 250 -20.70 13.69 14.84
CA ASN A 250 -19.43 14.42 14.92
C ASN A 250 -19.22 15.39 13.75
N LEU A 251 -20.12 15.33 12.76
CA LEU A 251 -19.92 16.03 11.48
C LEU A 251 -20.61 17.39 11.37
N GLN A 252 -21.47 17.72 12.34
CA GLN A 252 -22.27 18.94 12.30
C GLN A 252 -21.41 20.19 12.43
N ASP A 253 -21.66 21.18 11.58
CA ASP A 253 -21.03 22.50 11.75
C ASP A 253 -21.65 23.14 12.98
N ASP A 254 -20.82 23.72 13.84
CA ASP A 254 -21.40 24.40 14.98
C ASP A 254 -21.37 25.91 14.87
N LEU A 255 -22.55 26.49 14.93
CA LEU A 255 -22.74 27.91 15.02
C LEU A 255 -23.20 28.08 16.47
N GLU A 256 -22.64 28.98 17.29
CA GLU A 256 -21.78 30.16 16.99
C GLU A 256 -22.65 31.41 17.06
N ALA B 1 -5.91 -17.96 -43.37
CA ALA B 1 -5.02 -18.44 -42.26
C ALA B 1 -4.46 -17.27 -41.46
N ALA B 2 -4.48 -17.39 -40.13
CA ALA B 2 -4.04 -16.29 -39.31
C ALA B 2 -3.51 -16.63 -37.90
N PRO B 3 -3.20 -17.91 -37.62
CA PRO B 3 -3.08 -18.38 -36.24
C PRO B 3 -1.92 -17.70 -35.52
N VAL B 4 -1.96 -17.65 -34.20
CA VAL B 4 -0.91 -16.97 -33.46
C VAL B 4 -0.55 -17.56 -32.12
N ILE B 5 0.56 -18.29 -32.12
CA ILE B 5 1.28 -18.60 -30.88
C ILE B 5 2.04 -17.35 -30.45
N ASN B 6 2.24 -16.42 -31.39
CA ASN B 6 2.91 -15.16 -31.06
C ASN B 6 2.22 -14.60 -29.86
N SER B 7 3.00 -13.95 -29.00
CA SER B 7 2.65 -13.88 -27.62
C SER B 7 3.49 -12.87 -26.88
N HIS B 8 3.41 -11.62 -27.28
CA HIS B 8 4.19 -10.60 -26.60
C HIS B 8 3.35 -9.42 -26.24
N THR B 9 3.34 -8.94 -25.00
CA THR B 9 3.63 -9.65 -23.71
C THR B 9 3.97 -8.61 -22.60
N CYS B 10 2.94 -8.19 -21.85
CA CYS B 10 3.11 -7.28 -20.69
C CYS B 10 2.96 -8.00 -19.37
N PHE B 11 3.80 -7.61 -18.41
CA PHE B 11 4.25 -8.56 -17.45
C PHE B 11 3.48 -8.59 -16.15
N VAL B 12 3.06 -7.47 -15.59
CA VAL B 12 2.36 -7.53 -14.29
C VAL B 12 1.19 -6.57 -14.25
N SER B 13 -0.01 -7.11 -14.25
CA SER B 13 -1.23 -6.32 -14.13
C SER B 13 -1.30 -5.14 -15.11
N GLY B 14 -0.88 -5.37 -16.35
CA GLY B 14 -1.01 -4.39 -17.43
C GLY B 14 0.24 -3.53 -17.64
N ASN B 15 1.20 -3.65 -16.72
CA ASN B 15 2.39 -2.83 -16.78
C ASN B 15 3.52 -3.66 -17.37
N SER B 16 3.96 -3.27 -18.57
CA SER B 16 5.03 -4.01 -19.23
C SER B 16 6.41 -3.74 -18.63
N ASN B 17 6.52 -2.78 -17.72
CA ASN B 17 7.80 -2.45 -17.10
C ASN B 17 8.00 -3.15 -15.75
N MET B 18 7.16 -4.17 -15.47
CA MET B 18 7.23 -4.87 -14.19
C MET B 18 7.26 -6.37 -14.37
N ILE B 19 8.03 -7.03 -13.49
CA ILE B 19 8.04 -8.50 -13.44
C ILE B 19 7.84 -8.99 -12.01
N LEU B 20 7.42 -10.26 -11.87
CA LEU B 20 7.18 -10.87 -10.59
C LEU B 20 8.36 -11.77 -10.26
N ASN B 21 9.07 -11.47 -9.19
CA ASN B 21 10.13 -12.35 -8.76
C ASN B 21 10.19 -12.48 -7.23
N HIS B 22 11.16 -13.23 -6.71
CA HIS B 22 11.37 -13.31 -5.27
C HIS B 22 12.37 -12.30 -4.83
N MET B 23 12.24 -11.84 -3.59
CA MET B 23 13.19 -10.86 -3.07
C MET B 23 14.63 -11.28 -3.33
N ASN B 24 14.97 -12.53 -3.00
CA ASN B 24 16.36 -13.01 -3.16
C ASN B 24 16.89 -13.06 -4.62
N ASP B 25 16.00 -12.91 -5.60
CA ASP B 25 16.40 -12.68 -7.01
C ASP B 25 16.91 -11.26 -7.21
N ASN B 26 16.49 -10.35 -6.34
CA ASN B 26 16.90 -8.97 -6.46
C ASN B 26 18.13 -8.66 -5.59
N PHE B 27 18.33 -9.44 -4.52
CA PHE B 27 19.46 -9.23 -3.55
C PHE B 27 20.00 -10.49 -2.93
N ALA B 28 21.25 -10.41 -2.48
CA ALA B 28 21.91 -11.45 -1.67
C ALA B 28 20.96 -12.16 -0.70
#